data_3PJT
#
_entry.id   3PJT
#
_cell.length_a   41.445
_cell.length_b   204.830
_cell.length_c   142.391
_cell.angle_alpha   90.00
_cell.angle_beta   90.00
_cell.angle_gamma   90.00
#
_symmetry.space_group_name_H-M   'C 2 2 21'
#
loop_
_entity.id
_entity.type
_entity.pdbx_description
1 polymer 'Cyclic dimeric GMP binding protein'
2 non-polymer "9,9'-[(2R,3R,3aS,5S,7aR,9R,10R,10aS,12S,14aR)-3,5,10,12-tetrahydroxy-5,12-dioxidooctahydro-2H,7H-difuro[3,2-d:3',2'-j][1,3,7,9,2,8]tetraoxadiphosphacyclododecine-2,9-diyl]bis(2-amino-1,9-dihydro-6H-purin-6-one)"
3 water water
#
_entity_poly.entity_id   1
_entity_poly.type   'polypeptide(L)'
_entity_poly.pdbx_seq_one_letter_code
;QSLVADVGDDHHAWHRLLDQALNQRRFELFFQPVVAAQDTQLVLHYKVLSRLLDEQGQTIPAGRFLPWLERFGWTARLDR
LMLERVLEQMAGHEESLALNLSSATLADPQALNKVFEILRAHSNLGARLTLEIGEEQLPEQAVLEQLTRRLRELGFSLSL
QRFGGRFSMIGNLARLGLAYLKIDGSYIRAIDQESDKRLFIEAIQRAAHSIDLPLIAERVETEGELSVIREMGLYGVQGQ
LFGEPKPWG
;
_entity_poly.pdbx_strand_id   A,B
#
loop_
_chem_comp.id
_chem_comp.type
_chem_comp.name
_chem_comp.formula
C2E non-polymer 9,9'-[(2R,3R,3aS,5S,7aR,9R,10R,10aS,12S,14aR)-3,5,10,12-tetrahydroxy-5,12-dioxidooctahydro-2H,7H-difuro[3,2-d:3',2'-j][1,3,7,9,2,8]tetraoxadiphosphacyclododecine-2,9-diyl]bis(2-amino-1,9-dihydro-6H-purin-6-one) 'C20 H24 N10 O14 P2'
#
# COMPACT_ATOMS: atom_id res chain seq x y z
N ASP A 10 7.88 -6.84 -32.53
CA ASP A 10 6.72 -7.41 -33.19
C ASP A 10 5.99 -8.35 -32.24
N HIS A 11 4.67 -8.25 -32.22
CA HIS A 11 3.86 -9.16 -31.43
C HIS A 11 3.83 -10.55 -32.09
N HIS A 12 4.00 -10.58 -33.42
CA HIS A 12 3.95 -11.83 -34.18
C HIS A 12 5.11 -12.75 -33.83
N ALA A 13 6.33 -12.22 -33.86
CA ALA A 13 7.52 -13.02 -33.64
C ALA A 13 7.48 -13.76 -32.30
N TRP A 14 6.96 -13.08 -31.27
CA TRP A 14 6.96 -13.62 -29.93
C TRP A 14 6.02 -14.81 -29.81
N HIS A 15 4.88 -14.71 -30.48
CA HIS A 15 3.88 -15.75 -30.43
C HIS A 15 4.46 -17.10 -30.84
N ARG A 16 5.30 -17.06 -31.86
CA ARG A 16 5.82 -18.30 -32.45
C ARG A 16 6.97 -18.83 -31.63
N LEU A 17 7.83 -17.93 -31.20
CA LEU A 17 8.95 -18.27 -30.32
C LEU A 17 8.49 -18.99 -29.06
N LEU A 18 7.64 -18.35 -28.28
CA LEU A 18 7.20 -18.98 -27.03
C LEU A 18 6.49 -20.31 -27.25
N ASP A 19 5.54 -20.33 -28.18
CA ASP A 19 4.82 -21.56 -28.45
C ASP A 19 5.81 -22.66 -28.87
N GLN A 20 6.75 -22.30 -29.74
CA GLN A 20 7.76 -23.27 -30.15
C GLN A 20 8.65 -23.71 -29.00
N ALA A 21 9.26 -22.74 -28.32
CA ALA A 21 10.19 -23.02 -27.21
C ALA A 21 9.50 -23.72 -26.05
N LEU A 22 8.24 -23.34 -25.82
CA LEU A 22 7.40 -23.97 -24.80
C LEU A 22 7.15 -25.42 -25.20
N ASN A 23 6.88 -25.62 -26.49
CA ASN A 23 6.57 -26.96 -26.99
C ASN A 23 7.77 -27.86 -26.91
N GLN A 24 8.92 -27.29 -27.25
CA GLN A 24 10.22 -27.98 -27.26
C GLN A 24 10.90 -28.01 -25.91
N ARG A 25 10.24 -27.45 -24.89
CA ARG A 25 10.81 -27.33 -23.57
C ARG A 25 12.19 -26.72 -23.64
N ARG A 26 12.34 -25.74 -24.53
CA ARG A 26 13.65 -25.18 -24.83
C ARG A 26 14.01 -24.06 -23.86
N PHE A 27 14.11 -24.41 -22.58
CA PHE A 27 14.42 -23.44 -21.54
C PHE A 27 15.59 -23.89 -20.71
N GLU A 28 16.25 -22.91 -20.12
CA GLU A 28 17.37 -23.17 -19.27
C GLU A 28 17.05 -22.67 -17.84
N LEU A 29 17.43 -23.44 -16.82
CA LEU A 29 17.35 -22.97 -15.44
C LEU A 29 18.57 -22.12 -15.12
N PHE A 30 18.32 -20.88 -14.70
CA PHE A 30 19.36 -20.05 -14.14
C PHE A 30 19.13 -19.99 -12.64
N PHE A 31 20.15 -19.56 -11.90
CA PHE A 31 20.05 -19.53 -10.45
C PHE A 31 20.66 -18.22 -9.94
N GLN A 32 20.14 -17.76 -8.81
CA GLN A 32 20.68 -16.62 -8.11
C GLN A 32 20.55 -16.92 -6.62
N PRO A 33 21.67 -16.83 -5.91
CA PRO A 33 21.69 -17.26 -4.51
C PRO A 33 21.00 -16.25 -3.60
N VAL A 34 20.27 -16.74 -2.61
CA VAL A 34 19.65 -15.90 -1.61
C VAL A 34 20.39 -16.20 -0.33
N VAL A 35 20.89 -15.15 0.31
CA VAL A 35 21.98 -15.30 1.26
C VAL A 35 21.69 -14.57 2.59
N ALA A 36 22.24 -15.06 3.70
CA ALA A 36 22.00 -14.45 5.02
C ALA A 36 22.53 -13.02 5.14
N ALA A 37 21.73 -12.11 5.68
CA ALA A 37 22.13 -10.70 5.77
C ALA A 37 23.41 -10.52 6.60
N GLN A 38 23.53 -11.32 7.64
CA GLN A 38 24.63 -11.16 8.57
C GLN A 38 25.79 -12.04 8.24
N ASP A 39 25.63 -12.92 7.26
CA ASP A 39 26.76 -13.67 6.66
C ASP A 39 26.43 -13.99 5.21
N THR A 40 26.97 -13.17 4.30
CA THR A 40 26.64 -13.26 2.89
C THR A 40 27.28 -14.45 2.20
N GLN A 41 28.07 -15.21 2.97
CA GLN A 41 28.66 -16.45 2.48
C GLN A 41 27.71 -17.64 2.66
N LEU A 42 26.75 -17.51 3.59
CA LEU A 42 25.81 -18.59 3.95
C LEU A 42 24.58 -18.47 3.06
N VAL A 43 24.35 -19.51 2.26
CA VAL A 43 23.29 -19.50 1.27
C VAL A 43 22.02 -20.08 1.86
N LEU A 44 20.97 -19.25 1.93
CA LEU A 44 19.69 -19.72 2.44
C LEU A 44 19.06 -20.66 1.40
N HIS A 45 19.07 -20.22 0.15
CA HIS A 45 18.62 -21.06 -0.95
C HIS A 45 18.98 -20.40 -2.26
N TYR A 46 18.69 -21.10 -3.35
CA TYR A 46 18.85 -20.56 -4.68
C TYR A 46 17.49 -20.34 -5.32
N LYS A 47 17.28 -19.17 -5.88
CA LYS A 47 16.07 -18.89 -6.62
C LYS A 47 16.26 -19.36 -8.07
N VAL A 48 15.34 -20.20 -8.56
CA VAL A 48 15.35 -20.59 -9.97
C VAL A 48 14.77 -19.47 -10.84
N LEU A 49 15.50 -19.11 -11.89
CA LEU A 49 15.09 -18.12 -12.85
C LEU A 49 14.95 -18.82 -14.21
N SER A 50 13.87 -18.55 -14.93
CA SER A 50 13.71 -19.17 -16.23
C SER A 50 14.44 -18.35 -17.29
N ARG A 51 15.11 -19.04 -18.21
CA ARG A 51 15.77 -18.38 -19.34
C ARG A 51 15.34 -19.05 -20.65
N LEU A 52 14.74 -18.25 -21.51
CA LEU A 52 14.37 -18.68 -22.85
C LEU A 52 15.62 -18.79 -23.75
N LEU A 53 15.75 -19.91 -24.46
CA LEU A 53 16.74 -20.02 -25.50
C LEU A 53 16.04 -19.56 -26.78
N ASP A 54 16.66 -18.65 -27.53
CA ASP A 54 16.10 -18.31 -28.84
C ASP A 54 16.73 -19.18 -29.94
N GLU A 55 16.49 -18.81 -31.20
CA GLU A 55 16.92 -19.65 -32.32
C GLU A 55 18.43 -19.81 -32.41
N GLN A 56 19.17 -18.85 -31.85
CA GLN A 56 20.62 -18.83 -31.93
C GLN A 56 21.33 -19.33 -30.65
N GLY A 57 20.54 -19.94 -29.76
CA GLY A 57 21.03 -20.40 -28.47
C GLY A 57 21.30 -19.30 -27.45
N GLN A 58 20.73 -18.11 -27.69
CA GLN A 58 20.91 -16.97 -26.78
C GLN A 58 19.79 -16.90 -25.75
N THR A 59 20.12 -16.45 -24.55
CA THR A 59 19.19 -16.45 -23.46
C THR A 59 18.41 -15.14 -23.35
N ILE A 60 17.11 -15.30 -23.14
CA ILE A 60 16.20 -14.21 -22.87
C ILE A 60 15.71 -14.35 -21.45
N PRO A 61 15.86 -13.30 -20.64
CA PRO A 61 15.47 -13.33 -19.22
C PRO A 61 13.94 -13.35 -19.03
N ALA A 62 13.44 -14.00 -17.97
CA ALA A 62 12.01 -14.03 -17.68
C ALA A 62 11.37 -12.63 -17.70
N GLY A 63 12.09 -11.66 -17.16
CA GLY A 63 11.62 -10.29 -17.12
C GLY A 63 11.07 -9.80 -18.44
N ARG A 64 11.69 -10.24 -19.52
CA ARG A 64 11.35 -9.72 -20.85
C ARG A 64 10.26 -10.55 -21.53
N PHE A 65 10.24 -11.85 -21.27
CA PHE A 65 9.35 -12.73 -22.00
C PHE A 65 8.09 -13.10 -21.25
N LEU A 66 8.06 -12.84 -19.95
CA LEU A 66 6.88 -13.14 -19.13
C LEU A 66 5.63 -12.31 -19.49
N PRO A 67 5.81 -11.00 -19.73
CA PRO A 67 4.67 -10.23 -20.24
C PRO A 67 3.98 -10.88 -21.47
N TRP A 68 4.71 -11.59 -22.31
CA TRP A 68 4.13 -12.20 -23.50
C TRP A 68 3.39 -13.51 -23.24
N LEU A 69 3.94 -14.33 -22.35
CA LEU A 69 3.25 -15.54 -21.90
C LEU A 69 1.89 -15.20 -21.35
N GLU A 70 1.79 -14.02 -20.72
CA GLU A 70 0.55 -13.55 -20.17
C GLU A 70 -0.38 -13.20 -21.30
N ARG A 71 0.02 -12.26 -22.14
CA ARG A 71 -0.82 -11.90 -23.27
C ARG A 71 -1.29 -13.13 -24.06
N PHE A 72 -0.40 -14.11 -24.26
CA PHE A 72 -0.78 -15.30 -25.01
C PHE A 72 -1.40 -16.37 -24.13
N GLY A 73 -1.58 -16.05 -22.85
CA GLY A 73 -2.15 -16.97 -21.87
C GLY A 73 -1.43 -18.29 -21.74
N TRP A 74 -0.11 -18.26 -21.68
CA TRP A 74 0.66 -19.49 -21.67
C TRP A 74 1.47 -19.70 -20.40
N THR A 75 1.22 -18.88 -19.39
CA THR A 75 2.03 -18.95 -18.19
C THR A 75 1.97 -20.32 -17.53
N ALA A 76 0.80 -20.97 -17.56
CA ALA A 76 0.66 -22.26 -16.90
C ALA A 76 1.53 -23.30 -17.57
N ARG A 77 1.78 -23.09 -18.87
CA ARG A 77 2.67 -23.98 -19.62
C ARG A 77 4.10 -23.89 -19.09
N LEU A 78 4.57 -22.66 -18.96
CA LEU A 78 5.88 -22.43 -18.38
C LEU A 78 5.94 -23.09 -17.01
N ASP A 79 4.99 -22.74 -16.16
CA ASP A 79 4.96 -23.28 -14.81
C ASP A 79 5.16 -24.80 -14.77
N ARG A 80 4.39 -25.56 -15.56
CA ARG A 80 4.52 -27.03 -15.50
C ARG A 80 5.91 -27.52 -15.93
N LEU A 81 6.39 -26.95 -17.01
CA LEU A 81 7.65 -27.32 -17.61
C LEU A 81 8.78 -26.98 -16.61
N MET A 82 8.77 -25.76 -16.07
CA MET A 82 9.77 -25.35 -15.09
C MET A 82 9.76 -26.23 -13.86
N LEU A 83 8.56 -26.52 -13.33
CA LEU A 83 8.44 -27.27 -12.11
C LEU A 83 9.04 -28.66 -12.28
N GLU A 84 8.70 -29.31 -13.39
CA GLU A 84 9.22 -30.63 -13.66
C GLU A 84 10.75 -30.58 -13.78
N ARG A 85 11.28 -29.68 -14.59
CA ARG A 85 12.73 -29.57 -14.67
C ARG A 85 13.38 -29.33 -13.31
N VAL A 86 12.83 -28.41 -12.53
CA VAL A 86 13.44 -28.10 -11.23
C VAL A 86 13.43 -29.33 -10.33
N LEU A 87 12.31 -30.05 -10.30
CA LEU A 87 12.24 -31.23 -9.46
C LEU A 87 13.24 -32.31 -9.94
N GLU A 88 13.38 -32.44 -11.26
CA GLU A 88 14.41 -33.30 -11.88
C GLU A 88 15.85 -32.92 -11.47
N GLN A 89 16.25 -31.65 -11.58
CA GLN A 89 17.63 -31.32 -11.31
C GLN A 89 18.02 -31.32 -9.85
N MET A 90 17.04 -31.23 -8.94
CA MET A 90 17.32 -31.25 -7.50
C MET A 90 17.82 -32.61 -7.06
N ALA A 91 17.62 -33.60 -7.92
CA ALA A 91 18.06 -34.97 -7.68
C ALA A 91 19.56 -35.09 -7.72
N GLY A 92 20.22 -34.10 -8.34
CA GLY A 92 21.67 -34.11 -8.47
C GLY A 92 22.45 -33.40 -7.38
N HIS A 93 21.76 -32.87 -6.36
CA HIS A 93 22.44 -32.11 -5.32
C HIS A 93 21.64 -32.08 -4.02
N GLU A 94 22.11 -31.30 -3.06
CA GLU A 94 21.41 -31.14 -1.79
C GLU A 94 20.99 -29.71 -1.42
N GLU A 95 21.16 -28.75 -2.33
CA GLU A 95 20.77 -27.35 -2.07
C GLU A 95 19.24 -27.11 -2.00
N SER A 96 18.85 -26.07 -1.27
CA SER A 96 17.45 -25.62 -1.28
C SER A 96 17.22 -24.65 -2.43
N LEU A 97 16.02 -24.76 -2.99
CA LEU A 97 15.60 -24.01 -4.17
C LEU A 97 14.24 -23.30 -3.93
N ALA A 98 13.96 -22.30 -4.76
CA ALA A 98 12.73 -21.53 -4.69
C ALA A 98 12.23 -21.30 -6.11
N LEU A 99 10.93 -21.43 -6.32
CA LEU A 99 10.34 -21.38 -7.65
C LEU A 99 8.97 -20.73 -7.61
N ASN A 100 8.74 -19.83 -8.56
CA ASN A 100 7.47 -19.13 -8.72
C ASN A 100 6.36 -20.00 -9.32
N LEU A 101 5.16 -19.91 -8.74
CA LEU A 101 3.93 -20.29 -9.46
C LEU A 101 3.19 -19.04 -9.95
N SER A 102 2.59 -19.11 -11.13
CA SER A 102 1.89 -17.94 -11.68
C SER A 102 0.40 -17.96 -11.31
N SER A 103 -0.24 -16.79 -11.34
CA SER A 103 -1.65 -16.73 -10.98
C SER A 103 -2.45 -17.61 -11.93
N ALA A 104 -2.07 -17.59 -13.20
CA ALA A 104 -2.71 -18.42 -14.22
C ALA A 104 -2.84 -19.89 -13.81
N THR A 105 -1.84 -20.44 -13.13
CA THR A 105 -1.91 -21.82 -12.64
C THR A 105 -2.91 -22.01 -11.49
N LEU A 106 -2.89 -21.07 -10.55
CA LEU A 106 -3.76 -21.16 -9.37
C LEU A 106 -5.20 -21.06 -9.83
N ALA A 107 -5.42 -20.34 -10.92
CA ALA A 107 -6.75 -20.15 -11.46
C ALA A 107 -7.22 -21.26 -12.39
N ASP A 108 -6.30 -22.13 -12.83
CA ASP A 108 -6.65 -23.27 -13.67
C ASP A 108 -6.65 -24.57 -12.85
N PRO A 109 -7.83 -25.01 -12.43
CA PRO A 109 -7.96 -26.15 -11.52
C PRO A 109 -7.24 -27.37 -12.06
N GLN A 110 -7.29 -27.55 -13.38
CA GLN A 110 -6.61 -28.65 -14.05
C GLN A 110 -5.10 -28.49 -13.89
N ALA A 111 -4.56 -27.39 -14.37
CA ALA A 111 -3.14 -27.09 -14.22
C ALA A 111 -2.71 -27.21 -12.77
N LEU A 112 -3.57 -26.77 -11.85
CA LEU A 112 -3.24 -26.79 -10.44
C LEU A 112 -3.19 -28.20 -9.88
N ASN A 113 -4.11 -29.06 -10.30
CA ASN A 113 -4.05 -30.44 -9.83
C ASN A 113 -2.85 -31.15 -10.42
N LYS A 114 -2.52 -30.84 -11.66
CA LYS A 114 -1.36 -31.44 -12.28
C LYS A 114 -0.11 -31.10 -11.45
N VAL A 115 0.01 -29.83 -11.08
CA VAL A 115 1.04 -29.36 -10.16
C VAL A 115 1.07 -30.14 -8.86
N PHE A 116 -0.11 -30.44 -8.31
CA PHE A 116 -0.16 -31.27 -7.11
C PHE A 116 0.25 -32.71 -7.38
N GLU A 117 -0.26 -33.29 -8.46
CA GLU A 117 0.17 -34.63 -8.87
C GLU A 117 1.69 -34.69 -8.96
N ILE A 118 2.30 -33.69 -9.61
CA ILE A 118 3.75 -33.63 -9.74
C ILE A 118 4.46 -33.56 -8.37
N LEU A 119 4.09 -32.58 -7.55
CA LEU A 119 4.63 -32.47 -6.21
C LEU A 119 4.52 -33.80 -5.46
N ARG A 120 3.34 -34.43 -5.55
CA ARG A 120 3.04 -35.66 -4.81
C ARG A 120 4.03 -36.74 -5.20
N ALA A 121 4.42 -36.71 -6.47
CA ALA A 121 5.36 -37.68 -7.03
C ALA A 121 6.79 -37.45 -6.51
N HIS A 122 7.00 -36.33 -5.84
CA HIS A 122 8.34 -36.03 -5.34
C HIS A 122 8.31 -35.58 -3.91
N SER A 123 7.54 -36.28 -3.09
CA SER A 123 7.47 -35.99 -1.66
C SER A 123 8.85 -35.69 -1.05
N ASN A 124 9.83 -36.53 -1.39
CA ASN A 124 11.18 -36.44 -0.82
C ASN A 124 11.86 -35.06 -0.96
N LEU A 125 11.45 -34.30 -1.98
CA LEU A 125 12.02 -32.98 -2.21
C LEU A 125 11.29 -31.86 -1.44
N GLY A 126 10.12 -32.19 -0.88
CA GLY A 126 9.33 -31.25 -0.09
C GLY A 126 10.07 -30.22 0.76
N ALA A 127 11.06 -30.67 1.52
CA ALA A 127 11.71 -29.78 2.47
C ALA A 127 12.77 -28.90 1.82
N ARG A 128 13.08 -29.15 0.55
CA ARG A 128 14.08 -28.38 -0.17
C ARG A 128 13.50 -27.42 -1.25
N LEU A 129 12.19 -27.45 -1.49
CA LEU A 129 11.60 -26.58 -2.50
C LEU A 129 10.51 -25.69 -1.92
N THR A 130 10.70 -24.39 -2.09
CA THR A 130 9.72 -23.38 -1.73
C THR A 130 9.08 -22.79 -2.98
N LEU A 131 7.76 -22.81 -3.01
CA LEU A 131 7.04 -22.12 -4.06
C LEU A 131 6.77 -20.66 -3.69
N GLU A 132 6.88 -19.79 -4.68
CA GLU A 132 6.73 -18.36 -4.48
C GLU A 132 5.62 -17.76 -5.33
N ILE A 133 4.80 -16.90 -4.73
CA ILE A 133 3.88 -16.07 -5.49
C ILE A 133 4.29 -14.60 -5.35
N GLY A 134 4.42 -13.93 -6.47
CA GLY A 134 4.71 -12.49 -6.47
C GLY A 134 3.47 -11.73 -6.01
N GLU A 135 3.68 -10.68 -5.23
CA GLU A 135 2.57 -9.91 -4.72
C GLU A 135 1.60 -9.49 -5.83
N GLU A 136 2.13 -9.06 -6.98
CA GLU A 136 1.27 -8.63 -8.10
C GLU A 136 0.21 -9.65 -8.45
N GLN A 137 0.48 -10.93 -8.24
CA GLN A 137 -0.51 -11.93 -8.65
C GLN A 137 -1.07 -12.81 -7.55
N LEU A 138 -1.19 -12.27 -6.35
CA LEU A 138 -1.90 -12.96 -5.28
C LEU A 138 -3.34 -13.32 -5.68
N PRO A 139 -3.71 -14.58 -5.47
CA PRO A 139 -5.13 -14.96 -5.60
C PRO A 139 -5.88 -14.40 -4.41
N GLU A 140 -7.17 -14.69 -4.29
CA GLU A 140 -7.92 -14.22 -3.12
C GLU A 140 -7.51 -15.03 -1.89
N GLN A 141 -7.84 -14.54 -0.70
CA GLN A 141 -7.43 -15.22 0.53
C GLN A 141 -7.87 -16.69 0.51
N ALA A 142 -9.09 -16.99 0.05
CA ALA A 142 -9.53 -18.38 -0.01
C ALA A 142 -8.54 -19.27 -0.79
N VAL A 143 -8.09 -18.80 -1.95
CA VAL A 143 -7.22 -19.62 -2.79
C VAL A 143 -5.85 -19.80 -2.14
N LEU A 144 -5.37 -18.73 -1.55
CA LEU A 144 -4.13 -18.78 -0.82
C LEU A 144 -4.17 -19.87 0.24
N GLU A 145 -5.26 -19.91 1.00
CA GLU A 145 -5.33 -20.87 2.09
C GLU A 145 -5.59 -22.29 1.58
N GLN A 146 -6.42 -22.44 0.56
CA GLN A 146 -6.60 -23.75 -0.06
C GLN A 146 -5.25 -24.28 -0.56
N LEU A 147 -4.47 -23.39 -1.17
CA LEU A 147 -3.13 -23.71 -1.65
C LEU A 147 -2.15 -24.07 -0.49
N THR A 148 -2.17 -23.28 0.57
CA THR A 148 -1.28 -23.55 1.69
C THR A 148 -1.54 -24.90 2.38
N ARG A 149 -2.80 -25.31 2.50
CA ARG A 149 -3.12 -26.58 3.14
C ARG A 149 -2.72 -27.71 2.21
N ARG A 150 -2.86 -27.46 0.91
CA ARG A 150 -2.49 -28.45 -0.10
C ARG A 150 -1.00 -28.80 -0.14
N LEU A 151 -0.15 -27.79 -0.28
CA LEU A 151 1.30 -27.98 -0.30
C LEU A 151 1.74 -28.62 1.00
N ARG A 152 1.25 -28.06 2.10
CA ARG A 152 1.56 -28.57 3.44
C ARG A 152 1.36 -30.09 3.55
N GLU A 153 0.19 -30.61 3.18
CA GLU A 153 -0.02 -32.05 3.22
C GLU A 153 1.01 -32.80 2.36
N LEU A 154 1.50 -32.16 1.29
CA LEU A 154 2.51 -32.75 0.41
C LEU A 154 3.96 -32.47 0.86
N GLY A 155 4.16 -31.79 1.99
CA GLY A 155 5.48 -31.48 2.48
C GLY A 155 6.11 -30.16 2.01
N PHE A 156 5.56 -29.55 0.96
CA PHE A 156 6.17 -28.35 0.39
C PHE A 156 5.73 -27.06 1.07
N SER A 157 6.57 -26.06 1.04
CA SER A 157 6.23 -24.80 1.68
C SER A 157 5.97 -23.66 0.68
N LEU A 158 5.25 -22.62 1.12
CA LEU A 158 4.95 -21.47 0.28
C LEU A 158 5.52 -20.15 0.82
N SER A 159 5.83 -19.23 -0.10
CA SER A 159 6.30 -17.88 0.23
C SER A 159 5.74 -16.80 -0.71
N LEU A 160 5.87 -15.56 -0.29
CA LEU A 160 5.45 -14.43 -1.11
C LEU A 160 6.65 -13.53 -1.45
N GLN A 161 6.65 -12.95 -2.64
CA GLN A 161 7.77 -12.08 -3.00
C GLN A 161 7.28 -10.75 -3.55
N ARG A 162 8.20 -9.81 -3.77
CA ARG A 162 7.84 -8.47 -4.17
C ARG A 162 6.81 -7.84 -3.22
N PHE A 163 6.93 -8.16 -1.95
CA PHE A 163 5.96 -7.75 -0.97
C PHE A 163 6.23 -6.34 -0.44
N GLY A 164 5.17 -5.68 0.03
CA GLY A 164 5.26 -4.34 0.60
C GLY A 164 4.06 -3.47 0.29
N GLY A 165 3.60 -3.52 -0.95
CA GLY A 165 2.41 -2.80 -1.35
C GLY A 165 1.10 -3.22 -0.68
N ARG A 166 1.05 -4.43 -0.13
CA ARG A 166 -0.16 -4.95 0.51
C ARG A 166 0.08 -5.20 1.99
N PHE A 167 0.83 -4.30 2.62
CA PHE A 167 1.18 -4.49 4.02
C PHE A 167 -0.09 -4.54 4.89
N SER A 168 -1.18 -3.93 4.45
CA SER A 168 -2.40 -3.89 5.24
C SER A 168 -3.01 -5.31 5.45
N MET A 169 -2.56 -6.26 4.63
CA MET A 169 -2.94 -7.67 4.78
C MET A 169 -2.01 -8.45 5.73
N ILE A 170 -1.13 -7.72 6.42
CA ILE A 170 -0.18 -8.34 7.34
C ILE A 170 -0.82 -9.23 8.41
N GLY A 171 -2.07 -8.94 8.77
CA GLY A 171 -2.79 -9.70 9.78
C GLY A 171 -3.24 -11.05 9.29
N ASN A 172 -3.45 -11.17 7.98
CA ASN A 172 -3.93 -12.42 7.38
C ASN A 172 -2.86 -13.44 7.07
N LEU A 173 -1.62 -13.07 7.37
CA LEU A 173 -0.47 -13.83 6.92
C LEU A 173 -0.03 -14.94 7.87
N ALA A 174 -0.20 -14.73 9.18
CA ALA A 174 0.18 -15.73 10.18
C ALA A 174 -0.53 -17.08 10.01
N ARG A 175 -1.82 -17.06 9.71
CA ARG A 175 -2.55 -18.31 9.47
C ARG A 175 -2.07 -19.09 8.23
N LEU A 176 -1.03 -18.60 7.56
CA LEU A 176 -0.54 -19.27 6.35
C LEU A 176 0.72 -20.09 6.62
N GLY A 177 1.41 -19.77 7.70
CA GLY A 177 2.70 -20.40 7.92
C GLY A 177 3.55 -20.36 6.66
N LEU A 178 3.75 -19.18 6.10
CA LEU A 178 4.65 -19.02 4.96
C LEU A 178 6.09 -19.25 5.42
N ALA A 179 6.98 -19.56 4.49
CA ALA A 179 8.36 -19.80 4.87
C ALA A 179 9.11 -18.49 5.14
N TYR A 180 8.90 -17.52 4.26
CA TYR A 180 9.53 -16.22 4.37
C TYR A 180 8.71 -15.23 3.55
N LEU A 181 9.04 -13.95 3.69
CA LEU A 181 8.48 -12.88 2.89
C LEU A 181 9.63 -12.19 2.22
N LYS A 182 9.64 -12.16 0.90
CA LYS A 182 10.64 -11.41 0.16
C LYS A 182 10.11 -10.00 -0.14
N ILE A 183 10.80 -9.00 0.41
CA ILE A 183 10.39 -7.61 0.30
C ILE A 183 10.80 -7.02 -1.03
N ASP A 184 9.85 -6.38 -1.70
CA ASP A 184 10.12 -5.78 -3.00
C ASP A 184 11.30 -4.81 -2.94
N GLY A 185 12.22 -4.92 -3.90
CA GLY A 185 13.44 -4.11 -3.92
C GLY A 185 13.30 -2.58 -3.83
N SER A 186 12.22 -2.04 -4.37
CA SER A 186 11.98 -0.60 -4.33
C SER A 186 11.92 -0.02 -2.93
N TYR A 187 11.52 -0.84 -1.93
CA TYR A 187 11.46 -0.38 -0.54
C TYR A 187 12.83 -0.38 0.10
N ILE A 188 13.78 -0.96 -0.64
CA ILE A 188 15.16 -1.10 -0.24
C ILE A 188 16.08 -0.12 -0.99
N ARG A 189 15.68 0.25 -2.22
CA ARG A 189 16.57 0.96 -3.12
C ARG A 189 17.17 2.26 -2.57
N ALA A 190 18.51 2.29 -2.53
CA ALA A 190 19.29 3.42 -2.00
C ALA A 190 18.84 3.83 -0.61
N ILE A 191 18.43 2.86 0.19
CA ILE A 191 17.96 3.15 1.54
C ILE A 191 19.03 3.88 2.34
N ASP A 192 20.30 3.67 1.99
CA ASP A 192 21.41 4.35 2.68
C ASP A 192 21.43 5.88 2.46
N GLN A 193 20.98 6.34 1.29
CA GLN A 193 20.75 7.75 0.99
C GLN A 193 19.36 8.22 1.44
N GLU A 194 18.35 7.49 1.00
CA GLU A 194 16.96 7.86 1.20
C GLU A 194 16.35 7.29 2.50
N SER A 195 16.80 7.80 3.64
CA SER A 195 16.45 7.22 4.93
C SER A 195 14.97 7.35 5.30
N ASP A 196 14.21 8.07 4.50
CA ASP A 196 12.75 7.99 4.55
C ASP A 196 12.24 6.53 4.57
N LYS A 197 12.99 5.65 3.90
CA LYS A 197 12.55 4.27 3.64
C LYS A 197 12.63 3.36 4.85
N ARG A 198 13.36 3.78 5.87
CA ARG A 198 13.61 2.91 7.00
C ARG A 198 12.38 2.64 7.83
N LEU A 199 11.57 3.67 8.07
CA LEU A 199 10.46 3.52 9.01
C LEU A 199 9.49 2.41 8.55
N PHE A 200 9.22 2.35 7.25
CA PHE A 200 8.35 1.32 6.68
C PHE A 200 8.95 -0.06 6.89
N ILE A 201 10.21 -0.20 6.51
CA ILE A 201 10.95 -1.44 6.68
C ILE A 201 10.93 -1.87 8.15
N GLU A 202 11.22 -0.93 9.03
CA GLU A 202 11.27 -1.23 10.45
C GLU A 202 9.93 -1.76 10.92
N ALA A 203 8.86 -1.21 10.34
CA ALA A 203 7.49 -1.55 10.71
C ALA A 203 7.13 -2.95 10.21
N ILE A 204 7.57 -3.28 9.00
CA ILE A 204 7.39 -4.59 8.46
C ILE A 204 8.13 -5.58 9.33
N GLN A 205 9.33 -5.22 9.77
CA GLN A 205 10.14 -6.16 10.54
C GLN A 205 9.56 -6.32 11.93
N ARG A 206 8.95 -5.27 12.45
CA ARG A 206 8.30 -5.40 13.76
C ARG A 206 7.13 -6.41 13.73
N ALA A 207 6.25 -6.27 12.75
CA ALA A 207 5.14 -7.21 12.57
C ALA A 207 5.62 -8.61 12.20
N ALA A 208 6.66 -8.68 11.37
CA ALA A 208 7.15 -9.98 10.90
C ALA A 208 7.71 -10.76 12.08
N HIS A 209 8.48 -10.07 12.93
CA HIS A 209 8.92 -10.67 14.19
C HIS A 209 7.78 -11.27 15.02
N SER A 210 6.68 -10.54 15.12
CA SER A 210 5.58 -11.00 15.99
C SER A 210 4.83 -12.23 15.43
N ILE A 211 4.85 -12.41 14.11
CA ILE A 211 4.33 -13.66 13.52
C ILE A 211 5.43 -14.64 13.09
N ASP A 212 6.67 -14.34 13.46
CA ASP A 212 7.72 -15.31 13.27
C ASP A 212 7.90 -15.64 11.79
N LEU A 213 7.92 -14.60 10.99
CA LEU A 213 8.03 -14.71 9.54
C LEU A 213 9.27 -13.96 9.07
N PRO A 214 10.35 -14.71 8.73
CA PRO A 214 11.62 -14.05 8.37
C PRO A 214 11.52 -13.23 7.09
N LEU A 215 12.23 -12.11 7.06
CA LEU A 215 12.21 -11.22 5.91
C LEU A 215 13.47 -11.37 5.09
N ILE A 216 13.30 -11.28 3.77
CA ILE A 216 14.42 -11.25 2.84
C ILE A 216 14.27 -10.05 1.87
N ALA A 217 15.30 -9.21 1.78
CA ALA A 217 15.29 -8.04 0.90
C ALA A 217 15.69 -8.39 -0.53
N GLU A 218 14.88 -8.02 -1.52
CA GLU A 218 15.19 -8.33 -2.92
C GLU A 218 16.04 -7.26 -3.59
N ARG A 219 16.78 -7.66 -4.63
CA ARG A 219 17.51 -6.75 -5.50
C ARG A 219 18.44 -5.78 -4.80
N VAL A 220 19.16 -6.27 -3.80
CA VAL A 220 20.16 -5.49 -3.08
C VAL A 220 21.37 -5.30 -3.98
N GLU A 221 21.69 -4.04 -4.27
CA GLU A 221 22.70 -3.69 -5.27
C GLU A 221 24.00 -3.18 -4.67
N THR A 222 23.95 -2.79 -3.41
CA THR A 222 24.91 -1.84 -2.86
C THR A 222 25.30 -2.17 -1.40
N GLU A 223 26.57 -2.00 -1.06
CA GLU A 223 27.04 -2.22 0.32
C GLU A 223 26.27 -1.38 1.34
N GLY A 224 25.91 -0.16 0.92
CA GLY A 224 25.10 0.72 1.75
C GLY A 224 23.71 0.17 2.04
N GLU A 225 23.05 -0.36 1.01
CA GLU A 225 21.76 -1.00 1.21
C GLU A 225 21.91 -2.21 2.12
N LEU A 226 22.86 -3.07 1.79
CA LEU A 226 23.13 -4.26 2.57
C LEU A 226 23.32 -3.90 4.05
N SER A 227 24.16 -2.91 4.30
CA SER A 227 24.49 -2.51 5.65
C SER A 227 23.23 -2.11 6.44
N VAL A 228 22.36 -1.32 5.82
CA VAL A 228 21.14 -0.87 6.48
C VAL A 228 20.18 -2.02 6.74
N ILE A 229 19.92 -2.81 5.70
CA ILE A 229 19.08 -3.98 5.82
C ILE A 229 19.56 -4.87 6.96
N ARG A 230 20.84 -5.19 6.96
CA ARG A 230 21.46 -5.96 8.03
C ARG A 230 21.25 -5.34 9.44
N GLU A 231 21.48 -4.03 9.59
CA GLU A 231 21.29 -3.37 10.88
C GLU A 231 19.84 -3.47 11.40
N MET A 232 18.89 -3.54 10.48
CA MET A 232 17.49 -3.52 10.88
C MET A 232 16.96 -4.90 11.22
N GLY A 233 17.82 -5.91 11.11
CA GLY A 233 17.50 -7.23 11.60
C GLY A 233 17.01 -8.20 10.54
N LEU A 234 17.00 -7.79 9.29
CA LEU A 234 16.51 -8.70 8.25
C LEU A 234 17.34 -9.97 8.14
N TYR A 235 16.62 -11.06 7.84
CA TYR A 235 17.23 -12.36 7.79
C TYR A 235 18.11 -12.58 6.55
N GLY A 236 17.60 -12.19 5.39
CA GLY A 236 18.26 -12.56 4.16
C GLY A 236 18.26 -11.46 3.14
N VAL A 237 19.13 -11.60 2.13
CA VAL A 237 19.24 -10.64 1.05
C VAL A 237 19.55 -11.36 -0.25
N GLN A 238 19.15 -10.75 -1.36
CA GLN A 238 19.54 -11.24 -2.68
C GLN A 238 19.73 -10.04 -3.58
N GLY A 239 20.57 -10.19 -4.59
CA GLY A 239 20.72 -9.12 -5.55
C GLY A 239 22.07 -9.09 -6.25
N GLN A 240 22.20 -8.15 -7.17
CA GLN A 240 23.40 -8.01 -7.98
C GLN A 240 24.69 -7.80 -7.17
N LEU A 241 24.54 -7.28 -5.95
CA LEU A 241 25.69 -7.16 -5.05
C LEU A 241 26.43 -8.48 -4.91
N PHE A 242 25.68 -9.58 -4.95
CA PHE A 242 26.22 -10.93 -4.76
C PHE A 242 26.37 -11.68 -6.07
N GLY A 243 26.12 -10.99 -7.19
CA GLY A 243 26.35 -11.58 -8.49
C GLY A 243 25.10 -11.83 -9.32
N GLU A 244 25.34 -11.90 -10.63
CA GLU A 244 24.31 -12.11 -11.62
C GLU A 244 23.76 -13.53 -11.59
N PRO A 245 22.58 -13.72 -12.20
CA PRO A 245 22.00 -15.05 -12.32
C PRO A 245 22.84 -15.91 -13.28
N LYS A 246 23.06 -17.17 -12.94
CA LYS A 246 23.91 -18.02 -13.74
C LYS A 246 23.43 -19.47 -13.72
N PRO A 247 23.75 -20.25 -14.77
CA PRO A 247 23.34 -21.67 -14.80
C PRO A 247 24.05 -22.44 -13.69
N TRP A 248 23.49 -23.57 -13.28
CA TRP A 248 23.93 -24.25 -12.07
C TRP A 248 25.45 -24.36 -11.89
N GLY A 249 26.11 -25.04 -12.82
CA GLY A 249 27.54 -25.23 -12.69
C GLY A 249 27.99 -25.37 -11.23
N ASP B 10 -27.87 13.37 -14.38
CA ASP B 10 -27.67 13.83 -15.75
C ASP B 10 -26.44 14.76 -15.81
N HIS B 11 -25.53 14.49 -16.75
CA HIS B 11 -24.35 15.34 -16.94
C HIS B 11 -24.70 16.83 -17.02
N HIS B 12 -25.88 17.17 -17.55
CA HIS B 12 -26.25 18.58 -17.64
C HIS B 12 -27.17 19.07 -16.51
N ALA B 13 -27.91 18.16 -15.88
CA ALA B 13 -28.61 18.47 -14.63
C ALA B 13 -27.58 18.83 -13.53
N TRP B 14 -26.54 18.01 -13.42
CA TRP B 14 -25.47 18.23 -12.46
C TRP B 14 -24.63 19.43 -12.85
N HIS B 15 -24.58 19.69 -14.14
CA HIS B 15 -23.71 20.71 -14.70
C HIS B 15 -24.29 22.10 -14.49
N ARG B 16 -25.60 22.25 -14.69
CA ARG B 16 -26.26 23.53 -14.45
C ARG B 16 -26.24 23.76 -12.96
N LEU B 17 -26.64 22.73 -12.21
CA LEU B 17 -26.76 22.84 -10.76
C LEU B 17 -25.45 23.24 -10.12
N LEU B 18 -24.39 22.51 -10.42
CA LEU B 18 -23.11 22.78 -9.78
C LEU B 18 -22.50 24.13 -10.21
N ASP B 19 -22.62 24.47 -11.49
CA ASP B 19 -22.09 25.74 -11.96
C ASP B 19 -22.81 26.91 -11.28
N GLN B 20 -24.13 26.80 -11.16
CA GLN B 20 -24.92 27.82 -10.49
C GLN B 20 -24.54 27.88 -9.03
N ALA B 21 -24.37 26.72 -8.43
CA ALA B 21 -24.10 26.64 -7.01
C ALA B 21 -22.74 27.25 -6.66
N LEU B 22 -21.77 27.00 -7.54
CA LEU B 22 -20.43 27.53 -7.37
C LEU B 22 -20.51 29.06 -7.49
N ASN B 23 -21.26 29.52 -8.49
CA ASN B 23 -21.36 30.96 -8.74
C ASN B 23 -22.11 31.78 -7.69
N GLN B 24 -23.21 31.26 -7.18
CA GLN B 24 -23.95 31.98 -6.14
C GLN B 24 -23.44 31.63 -4.75
N ARG B 25 -22.41 30.78 -4.71
CA ARG B 25 -21.90 30.22 -3.47
C ARG B 25 -23.01 29.62 -2.60
N ARG B 26 -23.87 28.80 -3.23
CA ARG B 26 -24.98 28.17 -2.53
C ARG B 26 -24.57 26.86 -1.84
N PHE B 27 -23.49 26.91 -1.07
CA PHE B 27 -23.04 25.73 -0.35
C PHE B 27 -23.16 25.97 1.15
N GLU B 28 -23.59 24.94 1.87
CA GLU B 28 -23.78 25.08 3.30
C GLU B 28 -22.64 24.37 4.06
N LEU B 29 -22.23 24.92 5.19
CA LEU B 29 -21.22 24.26 6.00
C LEU B 29 -21.87 23.31 7.00
N PHE B 30 -21.50 22.03 6.93
CA PHE B 30 -21.86 21.08 7.98
C PHE B 30 -20.61 20.76 8.78
N PHE B 31 -20.80 20.25 10.00
CA PHE B 31 -19.68 19.87 10.86
C PHE B 31 -19.83 18.50 11.52
N GLN B 32 -18.70 17.89 11.84
CA GLN B 32 -18.68 16.66 12.59
C GLN B 32 -17.55 16.77 13.61
N PRO B 33 -17.85 16.43 14.86
CA PRO B 33 -16.85 16.59 15.93
C PRO B 33 -15.81 15.49 15.85
N VAL B 34 -14.54 15.84 16.01
CA VAL B 34 -13.46 14.87 16.09
C VAL B 34 -12.95 14.98 17.52
N VAL B 35 -12.86 13.85 18.22
CA VAL B 35 -12.64 13.87 19.66
C VAL B 35 -11.52 12.93 20.15
N ALA B 36 -10.98 13.24 21.32
CA ALA B 36 -9.98 12.39 21.98
C ALA B 36 -10.51 10.98 22.23
N ALA B 37 -9.64 9.98 22.06
CA ALA B 37 -10.01 8.59 22.30
C ALA B 37 -10.21 8.31 23.79
N GLN B 38 -9.29 8.78 24.63
CA GLN B 38 -9.43 8.63 26.08
C GLN B 38 -10.65 9.37 26.66
N ASP B 39 -11.03 10.49 26.03
CA ASP B 39 -12.18 11.24 26.50
C ASP B 39 -13.01 11.81 25.35
N THR B 40 -14.08 11.11 25.00
CA THR B 40 -14.95 11.51 23.90
C THR B 40 -15.69 12.81 24.17
N GLN B 41 -15.39 13.44 25.30
CA GLN B 41 -15.94 14.76 25.61
C GLN B 41 -14.90 15.85 25.30
N LEU B 42 -13.65 15.45 25.08
CA LEU B 42 -12.63 16.39 24.64
C LEU B 42 -12.64 16.58 23.12
N VAL B 43 -13.12 17.73 22.66
CA VAL B 43 -13.20 18.01 21.23
C VAL B 43 -11.88 18.51 20.67
N LEU B 44 -11.32 17.79 19.71
CA LEU B 44 -10.05 18.15 19.13
C LEU B 44 -10.25 19.25 18.09
N HIS B 45 -11.25 19.03 17.22
CA HIS B 45 -11.62 20.01 16.21
C HIS B 45 -12.95 19.60 15.62
N TYR B 46 -13.47 20.40 14.70
CA TYR B 46 -14.66 19.99 13.95
C TYR B 46 -14.29 19.90 12.50
N LYS B 47 -14.60 18.78 11.90
CA LYS B 47 -14.27 18.63 10.49
C LYS B 47 -15.37 19.24 9.65
N VAL B 48 -15.02 20.24 8.85
CA VAL B 48 -15.96 20.91 7.95
C VAL B 48 -16.32 20.02 6.77
N LEU B 49 -17.62 19.87 6.54
CA LEU B 49 -18.19 19.10 5.43
C LEU B 49 -19.08 19.99 4.56
N SER B 50 -18.87 19.97 3.25
CA SER B 50 -19.64 20.77 2.30
C SER B 50 -21.02 20.14 1.91
N ARG B 51 -22.11 20.89 2.09
CA ARG B 51 -23.44 20.42 1.65
C ARG B 51 -24.04 21.33 0.59
N LEU B 52 -24.57 20.72 -0.47
CA LEU B 52 -25.07 21.45 -1.62
C LEU B 52 -26.57 21.61 -1.53
N LEU B 53 -27.03 22.83 -1.78
CA LEU B 53 -28.47 23.16 -1.75
C LEU B 53 -29.07 23.02 -3.14
N ASP B 54 -29.80 21.93 -3.36
CA ASP B 54 -30.51 21.80 -4.64
C ASP B 54 -31.85 22.55 -4.55
N GLU B 55 -32.23 23.22 -5.64
CA GLU B 55 -33.42 24.05 -5.61
C GLU B 55 -34.71 23.23 -5.40
N GLN B 56 -34.68 21.96 -5.81
CA GLN B 56 -35.83 21.08 -5.62
C GLN B 56 -35.91 20.54 -4.18
N GLY B 57 -35.22 21.21 -3.25
CA GLY B 57 -35.31 20.89 -1.84
C GLY B 57 -34.02 20.50 -1.12
N GLN B 58 -33.70 19.20 -1.19
CA GLN B 58 -32.72 18.55 -0.32
C GLN B 58 -31.35 19.23 -0.11
N THR B 59 -30.72 18.82 0.99
CA THR B 59 -29.29 19.00 1.18
C THR B 59 -28.63 17.75 0.59
N ILE B 60 -27.66 17.96 -0.30
CA ILE B 60 -26.92 16.86 -0.89
C ILE B 60 -25.50 16.81 -0.34
N PRO B 61 -25.07 15.62 0.08
CA PRO B 61 -23.74 15.46 0.70
C PRO B 61 -22.61 15.54 -0.31
N ALA B 62 -21.45 16.01 0.15
CA ALA B 62 -20.23 16.03 -0.64
C ALA B 62 -20.00 14.72 -1.43
N GLY B 63 -20.23 13.58 -0.79
CA GLY B 63 -20.08 12.30 -1.48
C GLY B 63 -20.85 12.14 -2.79
N ARG B 64 -22.04 12.73 -2.86
CA ARG B 64 -22.85 12.65 -4.06
C ARG B 64 -22.38 13.62 -5.14
N PHE B 65 -21.97 14.83 -4.78
CA PHE B 65 -21.60 15.85 -5.78
C PHE B 65 -20.09 16.02 -6.13
N LEU B 66 -19.19 15.70 -5.20
CA LEU B 66 -17.77 15.83 -5.46
C LEU B 66 -17.32 15.09 -6.73
N PRO B 67 -17.84 13.87 -6.94
CA PRO B 67 -17.53 13.11 -8.16
C PRO B 67 -17.74 13.95 -9.42
N TRP B 68 -18.88 14.62 -9.53
CA TRP B 68 -19.13 15.48 -10.68
C TRP B 68 -18.25 16.75 -10.68
N LEU B 69 -18.06 17.38 -9.52
CA LEU B 69 -17.16 18.53 -9.46
C LEU B 69 -15.88 18.17 -10.18
N GLU B 70 -15.27 17.05 -9.80
CA GLU B 70 -14.04 16.60 -10.46
C GLU B 70 -14.23 16.33 -11.97
N ARG B 71 -15.35 15.71 -12.35
CA ARG B 71 -15.55 15.38 -13.76
C ARG B 71 -15.62 16.64 -14.62
N PHE B 72 -16.06 17.74 -14.01
CA PHE B 72 -16.11 19.02 -14.70
C PHE B 72 -14.86 19.86 -14.45
N GLY B 73 -14.00 19.40 -13.54
CA GLY B 73 -12.78 20.13 -13.22
C GLY B 73 -13.06 21.42 -12.47
N TRP B 74 -14.09 21.39 -11.63
CA TRP B 74 -14.54 22.59 -10.92
C TRP B 74 -14.14 22.55 -9.46
N THR B 75 -13.44 21.49 -9.08
CA THR B 75 -13.19 21.25 -7.67
C THR B 75 -12.48 22.42 -7.02
N ALA B 76 -11.57 23.06 -7.76
CA ALA B 76 -10.78 24.14 -7.18
C ALA B 76 -11.65 25.33 -6.82
N ARG B 77 -12.68 25.58 -7.63
CA ARG B 77 -13.67 26.62 -7.30
C ARG B 77 -14.31 26.35 -5.95
N LEU B 78 -14.77 25.11 -5.75
CA LEU B 78 -15.33 24.72 -4.46
C LEU B 78 -14.33 25.03 -3.34
N ASP B 79 -13.07 24.69 -3.60
CA ASP B 79 -12.04 24.83 -2.59
C ASP B 79 -11.98 26.29 -2.17
N ARG B 80 -11.86 27.18 -3.13
CA ARG B 80 -11.80 28.60 -2.83
C ARG B 80 -13.02 29.04 -2.02
N LEU B 81 -14.20 28.80 -2.58
CA LEU B 81 -15.47 29.09 -1.89
C LEU B 81 -15.44 28.62 -0.44
N MET B 82 -15.19 27.33 -0.24
CA MET B 82 -15.21 26.75 1.07
C MET B 82 -14.18 27.37 2.02
N LEU B 83 -12.98 27.69 1.54
CA LEU B 83 -11.97 28.26 2.42
C LEU B 83 -12.35 29.67 2.89
N GLU B 84 -12.82 30.49 1.96
CA GLU B 84 -13.35 31.81 2.28
C GLU B 84 -14.48 31.73 3.31
N ARG B 85 -15.42 30.83 3.09
CA ARG B 85 -16.55 30.64 4.02
C ARG B 85 -16.11 30.16 5.40
N VAL B 86 -15.24 29.17 5.42
CA VAL B 86 -14.70 28.64 6.66
C VAL B 86 -14.00 29.71 7.46
N LEU B 87 -13.08 30.43 6.84
CA LEU B 87 -12.35 31.47 7.54
C LEU B 87 -13.30 32.55 8.04
N GLU B 88 -14.25 32.96 7.21
CA GLU B 88 -15.28 33.89 7.64
C GLU B 88 -15.94 33.39 8.91
N GLN B 89 -16.45 32.15 8.89
CA GLN B 89 -17.29 31.67 9.98
C GLN B 89 -16.55 31.37 11.27
N MET B 90 -15.23 31.22 11.19
CA MET B 90 -14.44 30.99 12.40
C MET B 90 -14.33 32.26 13.26
N ALA B 91 -14.71 33.39 12.67
CA ALA B 91 -14.69 34.67 13.39
C ALA B 91 -15.67 34.62 14.54
N GLY B 92 -16.62 33.70 14.47
CA GLY B 92 -17.70 33.62 15.43
C GLY B 92 -17.43 32.82 16.69
N HIS B 93 -16.29 32.14 16.77
CA HIS B 93 -16.03 31.25 17.90
C HIS B 93 -14.55 30.97 18.15
N GLU B 94 -14.27 30.19 19.19
CA GLU B 94 -12.90 29.84 19.53
C GLU B 94 -12.48 28.40 19.13
N GLU B 95 -13.33 27.72 18.38
CA GLU B 95 -13.10 26.31 18.09
C GLU B 95 -12.10 26.08 16.94
N SER B 96 -11.36 24.98 17.06
CA SER B 96 -10.49 24.53 15.99
C SER B 96 -11.29 23.81 14.92
N LEU B 97 -10.92 24.04 13.67
CA LEU B 97 -11.60 23.46 12.52
C LEU B 97 -10.61 22.75 11.57
N ALA B 98 -11.15 21.84 10.75
CA ALA B 98 -10.35 21.17 9.72
C ALA B 98 -11.11 21.18 8.41
N LEU B 99 -10.38 21.37 7.31
CA LEU B 99 -11.00 21.46 6.00
C LEU B 99 -10.12 20.86 4.92
N ASN B 100 -10.73 20.20 3.95
CA ASN B 100 -10.02 19.59 2.85
C ASN B 100 -9.46 20.57 1.82
N LEU B 101 -8.34 20.16 1.20
CA LEU B 101 -7.86 20.77 -0.03
C LEU B 101 -7.84 19.72 -1.10
N SER B 102 -8.27 20.05 -2.31
CA SER B 102 -8.28 19.05 -3.38
C SER B 102 -7.00 19.02 -4.21
N SER B 103 -6.77 17.90 -4.89
CA SER B 103 -5.61 17.79 -5.76
C SER B 103 -5.64 18.87 -6.84
N ALA B 104 -6.85 19.29 -7.21
CA ALA B 104 -7.05 20.29 -8.26
C ALA B 104 -6.44 21.66 -7.89
N THR B 105 -6.70 22.12 -6.68
CA THR B 105 -6.06 23.31 -6.15
C THR B 105 -4.55 23.11 -6.14
N LEU B 106 -4.11 21.94 -5.72
CA LEU B 106 -2.69 21.69 -5.57
C LEU B 106 -1.95 21.72 -6.90
N ALA B 107 -2.66 21.34 -7.97
CA ALA B 107 -2.05 21.26 -9.29
C ALA B 107 -1.98 22.59 -10.04
N ASP B 108 -2.91 23.51 -9.76
CA ASP B 108 -2.90 24.82 -10.39
C ASP B 108 -2.21 25.85 -9.50
N PRO B 109 -1.01 26.28 -9.91
CA PRO B 109 -0.22 27.23 -9.12
C PRO B 109 -1.02 28.50 -8.83
N GLN B 110 -1.86 28.92 -9.77
CA GLN B 110 -2.69 30.11 -9.57
C GLN B 110 -3.63 29.93 -8.39
N ALA B 111 -4.40 28.85 -8.45
CA ALA B 111 -5.36 28.50 -7.41
C ALA B 111 -4.67 28.39 -6.06
N LEU B 112 -3.52 27.73 -6.06
CA LEU B 112 -2.78 27.49 -4.84
C LEU B 112 -2.24 28.78 -4.25
N ASN B 113 -1.72 29.66 -5.10
CA ASN B 113 -1.29 31.00 -4.67
C ASN B 113 -2.45 31.75 -4.06
N LYS B 114 -3.56 31.79 -4.79
CA LYS B 114 -4.77 32.42 -4.31
C LYS B 114 -5.06 31.96 -2.88
N VAL B 115 -4.95 30.65 -2.66
CA VAL B 115 -5.19 30.07 -1.34
C VAL B 115 -4.23 30.63 -0.30
N PHE B 116 -2.95 30.75 -0.66
CA PHE B 116 -1.97 31.31 0.25
C PHE B 116 -2.23 32.78 0.50
N GLU B 117 -2.66 33.46 -0.56
CA GLU B 117 -3.17 34.83 -0.48
C GLU B 117 -4.21 34.90 0.62
N ILE B 118 -5.20 34.03 0.51
CA ILE B 118 -6.29 34.04 1.47
C ILE B 118 -5.83 33.73 2.90
N LEU B 119 -4.98 32.73 3.08
CA LEU B 119 -4.46 32.41 4.41
C LEU B 119 -3.66 33.56 5.02
N ARG B 120 -2.85 34.23 4.20
CA ARG B 120 -2.07 35.38 4.66
C ARG B 120 -2.98 36.47 5.19
N ALA B 121 -4.13 36.66 4.55
CA ALA B 121 -5.13 37.62 5.03
C ALA B 121 -5.73 37.26 6.40
N HIS B 122 -5.81 35.98 6.73
CA HIS B 122 -6.42 35.58 8.01
C HIS B 122 -5.41 34.88 8.90
N SER B 123 -4.19 35.40 8.92
CA SER B 123 -3.09 34.84 9.68
C SER B 123 -3.46 34.61 11.14
N ASN B 124 -4.41 35.38 11.63
CA ASN B 124 -4.86 35.29 13.01
C ASN B 124 -5.44 33.91 13.35
N LEU B 125 -6.00 33.25 12.33
CA LEU B 125 -6.70 31.99 12.49
C LEU B 125 -5.81 30.76 12.22
N GLY B 126 -4.55 31.01 11.87
CA GLY B 126 -3.60 29.95 11.56
C GLY B 126 -3.55 28.79 12.53
N ALA B 127 -3.68 29.08 13.83
CA ALA B 127 -3.58 28.04 14.85
C ALA B 127 -4.90 27.33 15.11
N ARG B 128 -5.95 27.75 14.42
CA ARG B 128 -7.27 27.14 14.63
C ARG B 128 -7.80 26.39 13.40
N LEU B 129 -7.11 26.52 12.26
CA LEU B 129 -7.50 25.78 11.05
C LEU B 129 -6.43 24.82 10.53
N THR B 130 -6.77 23.53 10.40
CA THR B 130 -5.89 22.55 9.78
C THR B 130 -6.39 22.24 8.39
N LEU B 131 -5.49 22.18 7.39
CA LEU B 131 -5.88 21.74 6.06
C LEU B 131 -5.60 20.24 5.87
N GLU B 132 -6.51 19.53 5.18
CA GLU B 132 -6.49 18.09 5.05
C GLU B 132 -6.43 17.64 3.59
N ILE B 133 -5.63 16.62 3.33
CA ILE B 133 -5.64 15.95 2.02
C ILE B 133 -5.99 14.48 2.17
N GLY B 134 -6.88 14.01 1.33
CA GLY B 134 -7.19 12.59 1.28
C GLY B 134 -6.04 11.84 0.59
N GLU B 135 -5.70 10.67 1.11
CA GLU B 135 -4.64 9.86 0.54
C GLU B 135 -4.80 9.68 -0.96
N GLU B 136 -6.03 9.43 -1.39
CA GLU B 136 -6.33 9.19 -2.80
C GLU B 136 -5.99 10.35 -3.74
N GLN B 137 -5.60 11.48 -3.19
CA GLN B 137 -5.21 12.60 -4.06
C GLN B 137 -4.01 13.35 -3.54
N LEU B 138 -3.06 12.60 -2.97
CA LEU B 138 -1.78 13.18 -2.59
C LEU B 138 -0.99 13.57 -3.83
N PRO B 139 -0.39 14.76 -3.79
CA PRO B 139 0.59 15.14 -4.80
C PRO B 139 1.95 14.51 -4.44
N GLU B 140 2.99 14.74 -5.24
CA GLU B 140 4.34 14.25 -4.96
C GLU B 140 4.86 14.71 -3.60
N GLN B 141 5.82 13.99 -3.04
CA GLN B 141 6.39 14.37 -1.76
C GLN B 141 7.04 15.77 -1.87
N ALA B 142 7.48 16.11 -3.08
CA ALA B 142 8.04 17.44 -3.33
C ALA B 142 7.01 18.52 -3.05
N VAL B 143 5.86 18.41 -3.72
CA VAL B 143 4.71 19.29 -3.50
C VAL B 143 4.25 19.35 -2.04
N LEU B 144 4.18 18.18 -1.40
CA LEU B 144 3.84 18.13 0.01
C LEU B 144 4.83 18.91 0.83
N GLU B 145 6.08 18.96 0.40
CA GLU B 145 7.11 19.58 1.22
C GLU B 145 7.02 21.11 1.19
N GLN B 146 6.92 21.67 -0.02
CA GLN B 146 6.68 23.09 -0.16
C GLN B 146 5.39 23.45 0.59
N LEU B 147 4.31 22.74 0.29
CA LEU B 147 3.03 22.96 0.94
C LEU B 147 3.13 23.18 2.46
N THR B 148 3.88 22.33 3.14
CA THR B 148 4.00 22.46 4.60
C THR B 148 4.91 23.61 5.00
N ARG B 149 5.86 23.95 4.13
CA ARG B 149 6.78 25.02 4.46
C ARG B 149 6.00 26.31 4.39
N ARG B 150 5.35 26.53 3.24
CA ARG B 150 4.46 27.65 3.05
C ARG B 150 3.44 27.77 4.18
N LEU B 151 2.72 26.69 4.45
CA LEU B 151 1.69 26.71 5.47
C LEU B 151 2.23 27.03 6.85
N ARG B 152 3.39 26.49 7.17
CA ARG B 152 3.93 26.67 8.51
C ARG B 152 4.30 28.14 8.70
N GLU B 153 4.94 28.70 7.67
CA GLU B 153 5.29 30.12 7.66
C GLU B 153 4.08 31.00 7.99
N LEU B 154 2.93 30.69 7.39
CA LEU B 154 1.70 31.46 7.59
C LEU B 154 0.95 31.02 8.84
N GLY B 155 1.53 30.08 9.58
CA GLY B 155 0.98 29.63 10.85
C GLY B 155 -0.09 28.55 10.81
N PHE B 156 -0.35 28.01 9.61
CA PHE B 156 -1.35 26.95 9.45
C PHE B 156 -0.73 25.57 9.44
N SER B 157 -1.48 24.59 9.93
CA SER B 157 -1.00 23.23 9.99
C SER B 157 -1.61 22.39 8.86
N LEU B 158 -0.96 21.26 8.56
CA LEU B 158 -1.41 20.37 7.51
C LEU B 158 -1.58 18.99 8.09
N SER B 159 -2.54 18.24 7.54
CA SER B 159 -2.80 16.86 7.93
C SER B 159 -3.13 16.02 6.70
N LEU B 160 -3.07 14.71 6.87
CA LEU B 160 -3.49 13.79 5.83
C LEU B 160 -4.67 12.96 6.35
N GLN B 161 -5.55 12.49 5.45
CA GLN B 161 -6.67 11.63 5.85
C GLN B 161 -6.89 10.44 4.91
N ARG B 162 -7.80 9.54 5.29
CA ARG B 162 -8.01 8.26 4.62
C ARG B 162 -6.70 7.50 4.39
N PHE B 163 -5.83 7.50 5.39
CA PHE B 163 -4.57 6.76 5.40
C PHE B 163 -4.80 5.37 6.04
N GLY B 164 -4.06 4.32 5.66
CA GLY B 164 -3.09 4.32 4.60
C GLY B 164 -2.95 3.01 3.83
N GLY B 165 -3.48 3.01 2.61
CA GLY B 165 -2.97 2.15 1.56
C GLY B 165 -1.53 2.55 1.24
N ARG B 166 -1.18 3.80 1.53
CA ARG B 166 0.14 4.31 1.18
C ARG B 166 1.14 4.28 2.33
N PHE B 167 1.13 3.17 3.08
CA PHE B 167 1.79 3.15 4.37
C PHE B 167 3.30 3.14 4.22
N SER B 168 3.74 2.80 3.03
CA SER B 168 5.16 2.82 2.71
C SER B 168 5.77 4.22 2.74
N MET B 169 4.94 5.26 2.84
CA MET B 169 5.49 6.62 2.89
C MET B 169 5.54 7.14 4.31
N ILE B 170 5.22 6.27 5.26
CA ILE B 170 5.24 6.66 6.65
C ILE B 170 6.46 7.51 7.06
N GLY B 171 7.64 7.17 6.55
CA GLY B 171 8.87 7.86 6.96
C GLY B 171 9.08 9.20 6.28
N ASN B 172 8.44 9.35 5.12
CA ASN B 172 8.44 10.59 4.36
C ASN B 172 7.67 11.67 5.10
N LEU B 173 6.75 11.24 5.95
CA LEU B 173 5.85 12.15 6.62
C LEU B 173 6.52 12.85 7.79
N ALA B 174 7.58 12.23 8.32
CA ALA B 174 8.29 12.78 9.45
C ALA B 174 8.74 14.21 9.18
N ARG B 175 9.29 14.42 7.99
CA ARG B 175 9.82 15.71 7.61
C ARG B 175 8.74 16.77 7.31
N LEU B 176 7.46 16.43 7.53
CA LEU B 176 6.39 17.31 7.11
C LEU B 176 5.76 17.99 8.30
N GLY B 177 5.97 17.45 9.49
CA GLY B 177 5.37 18.02 10.68
C GLY B 177 3.87 18.24 10.57
N LEU B 178 3.14 17.15 10.35
CA LEU B 178 1.70 17.19 10.25
C LEU B 178 1.08 17.37 11.62
N ALA B 179 -0.13 17.95 11.68
CA ALA B 179 -0.88 18.04 12.93
C ALA B 179 -1.35 16.64 13.36
N TYR B 180 -1.68 15.80 12.38
CA TYR B 180 -2.14 14.47 12.71
C TYR B 180 -2.35 13.62 11.47
N LEU B 181 -2.71 12.35 11.69
CA LEU B 181 -2.94 11.42 10.60
C LEU B 181 -4.28 10.75 10.80
N LYS B 182 -5.20 10.96 9.86
CA LYS B 182 -6.51 10.31 9.94
C LYS B 182 -6.50 8.99 9.18
N ILE B 183 -6.80 7.92 9.91
CA ILE B 183 -6.76 6.57 9.35
C ILE B 183 -8.10 6.17 8.73
N ASP B 184 -8.07 5.65 7.50
CA ASP B 184 -9.29 5.15 6.84
C ASP B 184 -10.04 4.17 7.72
N GLY B 185 -11.35 4.38 7.83
CA GLY B 185 -12.16 3.65 8.78
C GLY B 185 -12.21 2.18 8.48
N SER B 186 -12.05 1.86 7.20
CA SER B 186 -11.98 0.47 6.76
C SER B 186 -10.96 -0.35 7.56
N TYR B 187 -9.88 0.28 8.04
CA TYR B 187 -8.84 -0.42 8.80
C TYR B 187 -9.25 -0.67 10.26
N ILE B 188 -10.30 0.01 10.71
CA ILE B 188 -10.83 -0.20 12.06
C ILE B 188 -12.25 -0.81 12.07
N ARG B 189 -12.85 -0.98 10.89
CA ARG B 189 -14.19 -1.53 10.84
C ARG B 189 -14.31 -2.85 11.59
N ALA B 190 -15.20 -2.87 12.58
CA ALA B 190 -15.45 -4.06 13.39
C ALA B 190 -14.16 -4.64 13.97
N ILE B 191 -13.15 -3.81 14.17
CA ILE B 191 -11.88 -4.32 14.69
C ILE B 191 -12.07 -5.16 15.96
N ASP B 192 -12.98 -4.72 16.82
CA ASP B 192 -13.32 -5.43 18.05
C ASP B 192 -13.78 -6.85 17.78
N GLN B 193 -14.16 -7.11 16.53
CA GLN B 193 -14.81 -8.35 16.14
C GLN B 193 -13.92 -9.25 15.31
N GLU B 194 -12.85 -8.66 14.77
CA GLU B 194 -11.90 -9.41 13.95
C GLU B 194 -10.50 -8.92 14.23
N SER B 195 -9.93 -9.41 15.33
CA SER B 195 -8.67 -8.93 15.88
C SER B 195 -7.55 -9.10 14.87
N ASP B 196 -7.92 -9.78 13.80
CA ASP B 196 -7.18 -9.83 12.55
C ASP B 196 -6.57 -8.51 12.14
N LYS B 197 -7.35 -7.44 12.30
CA LYS B 197 -6.96 -6.14 11.79
C LYS B 197 -5.99 -5.39 12.73
N ARG B 198 -5.73 -5.94 13.91
CA ARG B 198 -4.96 -5.20 14.91
C ARG B 198 -3.49 -5.05 14.54
N LEU B 199 -2.89 -6.11 14.00
CA LEU B 199 -1.49 -6.07 13.63
C LEU B 199 -1.15 -4.81 12.82
N PHE B 200 -1.87 -4.58 11.73
CA PHE B 200 -1.63 -3.39 10.91
C PHE B 200 -1.76 -2.06 11.67
N ILE B 201 -2.83 -1.94 12.47
CA ILE B 201 -3.04 -0.72 13.25
C ILE B 201 -1.87 -0.52 14.23
N GLU B 202 -1.45 -1.58 14.92
CA GLU B 202 -0.29 -1.49 15.81
C GLU B 202 0.93 -0.95 15.10
N ALA B 203 1.11 -1.40 13.87
CA ALA B 203 2.25 -0.96 13.08
C ALA B 203 2.20 0.56 12.85
N ILE B 204 1.06 1.05 12.34
CA ILE B 204 0.86 2.48 12.09
C ILE B 204 1.05 3.26 13.38
N GLN B 205 0.33 2.84 14.42
CA GLN B 205 0.45 3.48 15.72
C GLN B 205 1.88 3.48 16.25
N ARG B 206 2.61 2.38 16.08
CA ARG B 206 3.98 2.35 16.58
C ARG B 206 4.86 3.32 15.82
N ALA B 207 4.85 3.18 14.49
CA ALA B 207 5.61 4.04 13.60
C ALA B 207 5.28 5.52 13.81
N ALA B 208 3.99 5.86 13.80
CA ALA B 208 3.58 7.25 13.83
C ALA B 208 3.94 7.90 15.17
N HIS B 209 3.72 7.18 16.26
CA HIS B 209 4.15 7.62 17.57
C HIS B 209 5.66 7.92 17.62
N SER B 210 6.43 7.15 16.87
CA SER B 210 7.88 7.30 16.84
C SER B 210 8.34 8.59 16.15
N ILE B 211 7.47 9.19 15.34
CA ILE B 211 7.78 10.50 14.76
C ILE B 211 6.83 11.53 15.29
N ASP B 212 6.28 11.28 16.47
CA ASP B 212 5.43 12.25 17.15
C ASP B 212 4.23 12.76 16.33
N LEU B 213 3.60 11.86 15.59
CA LEU B 213 2.46 12.19 14.78
C LEU B 213 1.27 11.45 15.32
N PRO B 214 0.34 12.18 15.98
CA PRO B 214 -0.85 11.57 16.58
C PRO B 214 -1.75 10.96 15.51
N LEU B 215 -2.39 9.87 15.86
CA LEU B 215 -3.31 9.17 14.96
C LEU B 215 -4.77 9.47 15.33
N ILE B 216 -5.60 9.72 14.31
CA ILE B 216 -7.05 9.83 14.49
C ILE B 216 -7.81 8.76 13.69
N ALA B 217 -8.64 7.99 14.38
CA ALA B 217 -9.35 6.91 13.70
C ALA B 217 -10.64 7.45 13.06
N GLU B 218 -10.81 7.21 11.76
CA GLU B 218 -11.99 7.69 11.04
C GLU B 218 -13.21 6.76 11.09
N ARG B 219 -14.41 7.36 10.98
CA ARG B 219 -15.67 6.62 10.80
C ARG B 219 -15.93 5.48 11.79
N VAL B 220 -15.77 5.79 13.07
CA VAL B 220 -16.03 4.85 14.15
C VAL B 220 -17.53 4.78 14.36
N GLU B 221 -18.08 3.57 14.29
CA GLU B 221 -19.52 3.37 14.34
C GLU B 221 -19.98 2.65 15.60
N THR B 222 -19.05 2.33 16.48
CA THR B 222 -19.34 1.31 17.48
C THR B 222 -18.51 1.47 18.74
N GLU B 223 -19.14 1.14 19.87
CA GLU B 223 -18.46 1.14 21.15
C GLU B 223 -17.32 0.13 21.12
N GLY B 224 -17.60 -1.03 20.54
CA GLY B 224 -16.59 -2.05 20.36
C GLY B 224 -15.40 -1.49 19.60
N GLU B 225 -15.68 -0.86 18.45
CA GLU B 225 -14.62 -0.26 17.64
C GLU B 225 -13.86 0.77 18.46
N LEU B 226 -14.63 1.58 19.19
CA LEU B 226 -14.07 2.65 19.99
C LEU B 226 -13.16 2.13 21.09
N SER B 227 -13.60 1.07 21.76
CA SER B 227 -12.87 0.57 22.91
C SER B 227 -11.55 -0.09 22.51
N VAL B 228 -11.47 -0.65 21.32
CA VAL B 228 -10.21 -1.22 20.84
C VAL B 228 -9.27 -0.13 20.35
N ILE B 229 -9.81 0.84 19.63
CA ILE B 229 -9.00 1.96 19.17
C ILE B 229 -8.36 2.68 20.35
N ARG B 230 -9.19 3.06 21.32
CA ARG B 230 -8.74 3.60 22.60
C ARG B 230 -7.60 2.78 23.22
N GLU B 231 -7.83 1.47 23.39
CA GLU B 231 -6.88 0.53 23.96
C GLU B 231 -5.54 0.38 23.19
N MET B 232 -5.59 0.37 21.86
CA MET B 232 -4.37 0.30 21.06
C MET B 232 -3.61 1.60 21.18
N GLY B 233 -4.22 2.58 21.83
CA GLY B 233 -3.54 3.83 22.15
C GLY B 233 -3.63 4.98 21.16
N LEU B 234 -4.63 4.95 20.28
CA LEU B 234 -4.77 6.02 19.31
C LEU B 234 -5.24 7.33 19.98
N TYR B 235 -4.91 8.47 19.38
CA TYR B 235 -5.25 9.75 19.96
C TYR B 235 -6.70 10.19 19.75
N GLY B 236 -7.14 10.24 18.50
CA GLY B 236 -8.49 10.69 18.18
C GLY B 236 -9.39 9.67 17.54
N VAL B 237 -10.70 9.96 17.57
CA VAL B 237 -11.74 9.20 16.87
C VAL B 237 -12.77 10.14 16.27
N GLN B 238 -13.59 9.63 15.36
CA GLN B 238 -14.71 10.39 14.79
C GLN B 238 -15.60 9.42 14.05
N GLY B 239 -16.88 9.76 13.89
CA GLY B 239 -17.84 8.89 13.25
C GLY B 239 -19.29 9.02 13.74
N GLN B 240 -20.17 8.26 13.10
CA GLN B 240 -21.59 8.22 13.40
C GLN B 240 -21.88 7.85 14.85
N LEU B 241 -20.90 7.27 15.52
CA LEU B 241 -21.04 6.97 16.95
C LEU B 241 -21.23 8.27 17.72
N PHE B 242 -20.64 9.33 17.20
CA PHE B 242 -20.72 10.64 17.82
C PHE B 242 -21.66 11.58 17.05
N GLY B 243 -22.58 10.99 16.29
CA GLY B 243 -23.62 11.75 15.60
C GLY B 243 -23.43 12.05 14.11
N GLU B 244 -24.53 12.37 13.46
CA GLU B 244 -24.52 12.79 12.05
C GLU B 244 -23.82 14.14 11.87
N PRO B 245 -23.31 14.41 10.66
CA PRO B 245 -22.78 15.75 10.42
C PRO B 245 -23.93 16.71 10.46
N LYS B 246 -23.77 17.85 11.13
CA LYS B 246 -24.86 18.80 11.27
C LYS B 246 -24.34 20.23 11.20
N PRO B 247 -25.24 21.20 10.99
CA PRO B 247 -24.89 22.63 10.91
C PRO B 247 -24.40 23.14 12.24
N TRP B 248 -23.84 24.34 12.26
CA TRP B 248 -23.09 24.83 13.41
C TRP B 248 -23.79 24.79 14.80
N GLY B 249 -23.18 24.00 15.70
CA GLY B 249 -23.55 23.92 17.11
C GLY B 249 -22.40 23.36 17.95
P1 C2E C . 12.95 -12.67 -9.05
O2P C2E C . 12.65 -14.06 -8.57
O1P C2E C . 12.83 -11.74 -7.86
O5' C2E C . 14.44 -12.65 -9.62
C5' C2E C . 15.09 -11.42 -9.72
C4' C2E C . 14.93 -10.75 -11.06
O4' C2E C . 15.48 -9.47 -11.01
C3' C2E C . 15.69 -11.38 -12.19
O3' C2E C . 15.20 -10.90 -13.39
C2' C2E C . 16.99 -10.88 -12.00
O2' C2E C . 17.80 -10.83 -13.16
C1' C2E C . 16.81 -9.54 -11.49
N9 C2E C . 17.81 -8.97 -10.40
C8 C2E C . 18.43 -9.73 -9.48
N7 C2E C . 19.12 -8.91 -8.68
C5 C2E C . 18.92 -7.63 -9.07
C6 C2E C . 19.40 -6.41 -8.59
O6 C2E C . 20.21 -6.33 -7.49
N1 C2E C . 19.03 -5.29 -9.22
C2 C2E C . 18.21 -5.36 -10.29
N2 C2E C . 17.88 -4.14 -10.94
N3 C2E C . 17.73 -6.52 -10.76
C4 C2E C . 18.06 -7.67 -10.17
P11 C2E C . 14.46 -11.93 -14.32
O21 C2E C . 15.03 -13.31 -14.11
O11 C2E C . 14.62 -11.55 -15.76
O5A C2E C . 12.93 -11.95 -14.09
C5A C2E C . 12.60 -12.80 -13.08
C4A C2E C . 11.38 -12.42 -12.36
O4A C2E C . 10.24 -13.09 -13.02
C3A C2E C . 11.61 -13.10 -11.08
O3A C2E C . 11.85 -12.20 -10.07
C2A C2E C . 10.53 -14.09 -10.90
O2A C2E C . 9.58 -13.66 -10.02
C1A C2E C . 9.96 -14.25 -12.28
N91 C2E C . 10.27 -15.64 -12.94
C81 C2E C . 11.49 -16.06 -13.33
N71 C2E C . 11.40 -17.34 -13.70
C51 C2E C . 10.13 -17.75 -13.55
C61 C2E C . 9.46 -18.95 -13.76
O61 C2E C . 10.17 -20.05 -14.19
N11 C2E C . 8.14 -19.03 -13.48
C21 C2E C . 7.46 -17.97 -13.02
N21 C2E C . 6.05 -18.07 -12.75
N31 C2E C . 8.10 -16.81 -12.81
C41 C2E C . 9.41 -16.67 -13.05
P1 C2E D . -14.71 13.08 5.80
O2P C2E D . -14.09 14.45 6.03
O1P C2E D . -13.84 12.01 6.47
O5' C2E D . -16.14 13.07 6.44
C5' C2E D . -16.71 11.82 6.61
C4' C2E D . -17.66 11.41 5.51
O4' C2E D . -18.16 10.12 5.78
C3' C2E D . -18.87 12.30 5.47
O3' C2E D . -19.60 12.14 4.31
C2' C2E D . -19.64 11.74 6.49
O2' C2E D . -21.01 11.90 6.16
C1' C2E D . -19.31 10.33 6.53
N9 C2E D . -19.21 9.59 7.92
C8 C2E D . -18.99 10.16 9.12
N7 C2E D . -18.99 9.21 10.05
C5 C2E D . -19.21 8.03 9.44
C6 C2E D . -19.31 6.72 9.91
O6 C2E D . -19.16 6.44 11.26
N1 C2E D . -19.54 5.72 9.03
C2 C2E D . -19.65 6.00 7.71
N2 C2E D . -19.83 4.93 6.78
N3 C2E D . -19.57 7.26 7.24
C4 C2E D . -19.35 8.28 8.07
P11 C2E D . -19.57 13.23 3.18
O21 C2E D . -19.72 14.60 3.78
O11 C2E D . -20.65 12.93 2.16
O5A C2E D . -18.30 13.10 2.31
C5A C2E D . -17.29 13.86 2.78
C4A C2E D . -16.00 13.34 2.35
O4A C2E D . -15.63 14.08 1.14
C3A C2E D . -15.14 13.81 3.46
O3A C2E D . -14.70 12.78 4.27
C2A C2E D . -14.12 14.67 2.87
O2A C2E D . -12.94 14.05 2.71
C1A C2E D . -14.72 15.08 1.55
N91 C2E D . -15.25 16.59 1.59
C81 C2E D . -16.29 17.01 2.31
N71 C2E D . -16.38 18.34 2.19
C51 C2E D . -15.37 18.77 1.38
C61 C2E D . -14.96 20.04 0.90
O61 C2E D . -15.60 21.19 1.26
N11 C2E D . -13.88 20.10 0.09
C21 C2E D . -13.19 18.99 -0.27
N21 C2E D . -12.07 19.11 -1.14
N31 C2E D . -13.57 17.78 0.20
C41 C2E D . -14.64 17.63 1.01
#